data_4L89
#
_entry.id   4L89
#
_cell.length_a   57.346
_cell.length_b   76.673
_cell.length_c   40.636
_cell.angle_alpha   90.00
_cell.angle_beta   90.00
_cell.angle_gamma   90.00
#
_symmetry.space_group_name_H-M   'P 21 21 2'
#
loop_
_entity.id
_entity.type
_entity.pdbx_description
1 polymer 'Uncharacterized protein'
2 non-polymer 'SULFATE ION'
3 non-polymer 1,2-ETHANEDIOL
4 non-polymer 'COENZYME A'
5 water water
#
_entity_poly.entity_id   1
_entity_poly.type   'polypeptide(L)'
_entity_poly.pdbx_seq_one_letter_code
;GHMQLSHRPAETGDLETVAGFPQDRDELFYCYPKAIWPFSVAQLAAAIAERRGSTVAVHDGQVLGFANFYQWQHGDFCAL
GNMMVAPAARGLGVARYLIGVMENLAREQYKARLMKISCFNANAAGLLLYTQLGYQPRAIAERHDPDGRRVALIQMDKPL
EP
;
_entity_poly.pdbx_strand_id   A
#
loop_
_chem_comp.id
_chem_comp.type
_chem_comp.name
_chem_comp.formula
COA non-polymer 'COENZYME A' 'C21 H36 N7 O16 P3 S'
EDO non-polymer 1,2-ETHANEDIOL 'C2 H6 O2'
SO4 non-polymer 'SULFATE ION' 'O4 S -2'
#
# COMPACT_ATOMS: atom_id res chain seq x y z
N MET A 3 -20.53 -3.61 -2.23
CA MET A 3 -19.30 -4.14 -2.90
C MET A 3 -19.04 -5.60 -2.49
N GLN A 4 -18.90 -6.47 -3.46
CA GLN A 4 -18.53 -7.83 -3.17
C GLN A 4 -17.09 -7.94 -3.59
N LEU A 5 -16.15 -7.74 -2.67
CA LEU A 5 -14.74 -7.86 -2.99
C LEU A 5 -14.18 -9.24 -2.68
N SER A 6 -13.24 -9.66 -3.54
CA SER A 6 -12.40 -10.86 -3.35
C SER A 6 -10.95 -10.46 -3.51
N HIS A 7 -10.03 -11.36 -3.16
CA HIS A 7 -8.65 -11.10 -3.38
C HIS A 7 -7.97 -12.34 -3.82
N ARG A 8 -6.80 -12.13 -4.36
CA ARG A 8 -5.88 -13.16 -4.77
C ARG A 8 -4.50 -12.57 -4.98
N PRO A 9 -3.47 -13.43 -5.07
CA PRO A 9 -2.17 -12.92 -5.43
C PRO A 9 -2.13 -12.19 -6.79
N ALA A 10 -1.35 -11.13 -6.87
CA ALA A 10 -1.15 -10.44 -8.11
C ALA A 10 -0.51 -11.34 -9.15
N GLU A 11 -0.92 -11.13 -10.41
CA GLU A 11 -0.47 -11.89 -11.58
C GLU A 11 0.07 -10.92 -12.61
N THR A 12 0.90 -11.42 -13.53
CA THR A 12 1.42 -10.59 -14.60
C THR A 12 0.40 -9.79 -15.34
N GLY A 13 -0.74 -10.40 -15.66
CA GLY A 13 -1.71 -9.66 -16.40
C GLY A 13 -2.39 -8.55 -15.67
N ASP A 14 -2.21 -8.50 -14.35
CA ASP A 14 -2.78 -7.42 -13.51
C ASP A 14 -1.89 -6.14 -13.56
N LEU A 15 -0.66 -6.24 -13.99
N LEU A 15 -0.62 -6.31 -13.92
CA LEU A 15 0.31 -5.12 -13.75
CA LEU A 15 0.41 -5.24 -13.89
C LEU A 15 0.01 -3.92 -14.59
C LEU A 15 0.02 -3.95 -14.60
N GLU A 16 -0.46 -4.09 -15.84
CA GLU A 16 -0.81 -2.98 -16.67
C GLU A 16 -1.88 -2.12 -16.01
N THR A 17 -2.89 -2.76 -15.43
N THR A 17 -2.93 -2.74 -15.44
CA THR A 17 -3.98 -2.09 -14.74
CA THR A 17 -3.98 -1.89 -14.82
C THR A 17 -3.48 -1.34 -13.52
C THR A 17 -3.47 -1.30 -13.52
N VAL A 18 -2.73 -2.06 -12.72
CA VAL A 18 -2.23 -1.54 -11.44
C VAL A 18 -1.29 -0.35 -11.64
N ALA A 19 -0.48 -0.42 -12.69
CA ALA A 19 0.49 0.68 -12.93
C ALA A 19 -0.25 1.97 -13.22
N GLY A 20 -1.50 1.87 -13.70
CA GLY A 20 -2.40 3.03 -13.88
C GLY A 20 -3.10 3.60 -12.68
N PHE A 21 -2.94 2.99 -11.51
CA PHE A 21 -3.67 3.43 -10.32
C PHE A 21 -3.18 4.82 -9.77
N PRO A 22 -1.88 5.10 -9.78
CA PRO A 22 -1.46 6.48 -9.40
C PRO A 22 -1.84 7.45 -10.48
N GLN A 23 -2.69 8.40 -10.18
CA GLN A 23 -3.19 9.21 -11.28
C GLN A 23 -2.45 10.49 -11.63
N ASP A 24 -1.49 10.89 -10.78
CA ASP A 24 -0.67 12.06 -10.97
C ASP A 24 0.66 11.88 -10.23
N ARG A 25 1.58 12.81 -10.44
CA ARG A 25 2.89 12.69 -9.76
C ARG A 25 2.85 12.67 -8.25
N ASP A 26 1.84 13.31 -7.65
CA ASP A 26 1.68 13.24 -6.18
C ASP A 26 1.37 11.82 -5.70
N GLU A 27 0.39 11.16 -6.32
CA GLU A 27 0.03 9.82 -5.95
C GLU A 27 1.14 8.86 -6.25
N LEU A 28 1.85 9.05 -7.37
CA LEU A 28 3.02 8.22 -7.68
C LEU A 28 4.03 8.32 -6.55
N PHE A 29 4.33 9.55 -6.15
CA PHE A 29 5.29 9.79 -5.08
C PHE A 29 4.89 9.17 -3.78
N TYR A 30 3.63 9.22 -3.42
CA TYR A 30 3.17 8.74 -2.15
C TYR A 30 3.43 7.24 -2.02
N CYS A 31 3.30 6.53 -3.10
CA CYS A 31 3.56 5.06 -3.10
C CYS A 31 4.96 4.67 -3.54
N TYR A 32 5.54 5.39 -4.46
CA TYR A 32 6.85 5.07 -5.05
C TYR A 32 7.69 6.30 -5.14
N PRO A 33 8.26 6.70 -4.00
CA PRO A 33 8.90 8.03 -3.93
C PRO A 33 10.13 8.15 -4.81
N LYS A 34 10.70 7.02 -5.22
CA LYS A 34 11.82 7.09 -6.18
C LYS A 34 11.44 6.69 -7.63
N ALA A 35 10.18 6.47 -7.91
CA ALA A 35 9.73 6.22 -9.30
C ALA A 35 9.79 7.49 -10.14
N ILE A 36 9.97 7.30 -11.45
CA ILE A 36 9.91 8.36 -12.40
C ILE A 36 8.57 8.37 -13.12
N TRP A 37 7.98 9.54 -13.32
CA TRP A 37 6.77 9.70 -14.08
C TRP A 37 7.03 9.62 -15.60
N PRO A 38 6.20 8.85 -16.34
CA PRO A 38 5.07 8.03 -15.96
C PRO A 38 5.52 6.72 -15.39
N PHE A 39 4.68 6.25 -14.48
CA PHE A 39 4.81 4.91 -13.94
C PHE A 39 4.58 3.90 -15.05
N SER A 40 5.24 2.79 -14.91
CA SER A 40 5.29 1.79 -15.97
C SER A 40 5.30 0.45 -15.29
N VAL A 41 4.90 -0.56 -16.10
CA VAL A 41 4.99 -1.90 -15.62
C VAL A 41 6.40 -2.34 -15.24
N ALA A 42 7.44 -1.92 -15.96
CA ALA A 42 8.79 -2.27 -15.56
C ALA A 42 9.14 -1.71 -14.18
N GLN A 43 8.70 -0.48 -13.91
CA GLN A 43 8.97 0.07 -12.59
C GLN A 43 8.18 -0.66 -11.48
N LEU A 44 6.93 -1.03 -11.77
CA LEU A 44 6.09 -1.70 -10.81
C LEU A 44 6.69 -3.09 -10.50
N ALA A 45 7.08 -3.79 -11.58
CA ALA A 45 7.67 -5.13 -11.43
C ALA A 45 8.91 -5.08 -10.60
N ALA A 46 9.73 -4.05 -10.82
CA ALA A 46 10.95 -3.89 -10.06
C ALA A 46 10.65 -3.71 -8.57
N ALA A 47 9.62 -2.92 -8.25
CA ALA A 47 9.17 -2.76 -6.85
C ALA A 47 8.64 -4.05 -6.22
N ILE A 48 7.84 -4.78 -6.95
CA ILE A 48 7.24 -6.02 -6.46
C ILE A 48 8.39 -6.96 -6.12
N ALA A 49 9.47 -6.95 -6.94
CA ALA A 49 10.55 -7.91 -6.82
C ALA A 49 11.18 -7.76 -5.46
N GLU A 50 11.20 -6.54 -4.94
CA GLU A 50 11.79 -6.21 -3.67
C GLU A 50 10.84 -6.46 -2.48
N ARG A 51 9.63 -6.95 -2.75
CA ARG A 51 8.59 -6.93 -1.74
C ARG A 51 7.95 -8.31 -1.65
N ARG A 52 6.96 -8.48 -0.79
CA ARG A 52 6.32 -9.77 -0.61
C ARG A 52 4.83 -9.58 -0.50
N GLY A 53 4.08 -10.64 -0.78
CA GLY A 53 2.66 -10.58 -0.57
C GLY A 53 1.86 -9.65 -1.48
N SER A 54 2.29 -9.44 -2.72
CA SER A 54 1.55 -8.63 -3.64
C SER A 54 0.20 -9.24 -3.95
N THR A 55 -0.84 -8.49 -3.65
CA THR A 55 -2.23 -8.95 -3.65
C THR A 55 -3.10 -7.96 -4.31
N VAL A 56 -4.08 -8.47 -5.07
CA VAL A 56 -5.07 -7.64 -5.68
C VAL A 56 -6.46 -7.89 -5.12
N ALA A 57 -7.24 -6.84 -5.08
CA ALA A 57 -8.66 -6.88 -4.70
C ALA A 57 -9.45 -6.73 -5.99
N VAL A 58 -10.50 -7.57 -6.10
CA VAL A 58 -11.28 -7.69 -7.34
C VAL A 58 -12.76 -7.51 -6.97
N HIS A 59 -13.48 -6.76 -7.81
CA HIS A 59 -14.93 -6.58 -7.74
C HIS A 59 -15.48 -6.49 -9.16
N ASP A 60 -16.57 -7.22 -9.37
CA ASP A 60 -17.23 -7.26 -10.67
C ASP A 60 -16.27 -7.46 -11.83
N GLY A 61 -15.37 -8.41 -11.65
CA GLY A 61 -14.42 -8.70 -12.69
C GLY A 61 -13.30 -7.72 -12.94
N GLN A 62 -13.10 -6.75 -12.05
N GLN A 62 -13.13 -6.74 -12.06
CA GLN A 62 -12.11 -5.70 -12.26
CA GLN A 62 -12.12 -5.70 -12.25
C GLN A 62 -11.12 -5.67 -11.10
C GLN A 62 -11.11 -5.74 -11.10
N VAL A 63 -9.84 -5.53 -11.43
CA VAL A 63 -8.80 -5.33 -10.41
C VAL A 63 -8.92 -3.89 -9.94
N LEU A 64 -9.24 -3.67 -8.65
CA LEU A 64 -9.52 -2.32 -8.15
C LEU A 64 -8.52 -1.90 -7.09
N GLY A 65 -7.80 -2.87 -6.53
CA GLY A 65 -6.83 -2.55 -5.48
C GLY A 65 -5.62 -3.43 -5.49
N PHE A 66 -4.53 -2.92 -4.93
CA PHE A 66 -3.23 -3.59 -4.93
C PHE A 66 -2.48 -3.23 -3.66
N ALA A 67 -1.86 -4.22 -3.03
CA ALA A 67 -1.06 -3.96 -1.85
C ALA A 67 0.02 -5.04 -1.74
N ASN A 68 1.06 -4.71 -0.98
CA ASN A 68 2.14 -5.66 -0.64
C ASN A 68 2.80 -5.24 0.67
N PHE A 69 3.77 -6.05 1.11
CA PHE A 69 4.61 -5.74 2.25
C PHE A 69 5.99 -5.24 1.84
N TYR A 70 6.41 -4.18 2.50
CA TYR A 70 7.69 -3.54 2.32
C TYR A 70 8.75 -4.24 3.25
N GLN A 71 8.32 -4.65 4.44
CA GLN A 71 9.11 -5.43 5.41
C GLN A 71 8.30 -6.53 6.03
N TRP A 72 9.02 -7.58 6.49
CA TRP A 72 8.34 -8.74 7.04
C TRP A 72 9.41 -9.37 7.95
N GLN A 73 9.05 -9.56 9.21
CA GLN A 73 9.92 -10.07 10.24
C GLN A 73 9.05 -11.05 11.01
N HIS A 74 9.30 -12.35 10.79
N HIS A 74 9.29 -12.34 10.75
CA HIS A 74 8.49 -13.42 11.35
CA HIS A 74 8.52 -13.43 11.33
C HIS A 74 8.46 -13.31 12.86
C HIS A 74 8.46 -13.31 12.85
N GLY A 75 7.27 -13.45 13.40
CA GLY A 75 7.06 -13.28 14.82
C GLY A 75 6.95 -11.91 15.38
N ASP A 76 7.21 -10.91 14.55
CA ASP A 76 7.51 -9.60 15.06
C ASP A 76 6.58 -8.61 14.36
N PHE A 77 6.86 -8.24 13.13
CA PHE A 77 5.98 -7.26 12.42
C PHE A 77 6.06 -7.41 10.91
N CYS A 78 5.09 -6.77 10.25
CA CYS A 78 5.23 -6.51 8.78
C CYS A 78 5.05 -5.02 8.61
N ALA A 79 5.59 -4.48 7.52
CA ALA A 79 5.31 -3.09 7.13
C ALA A 79 4.60 -3.09 5.80
N LEU A 80 3.45 -2.45 5.76
CA LEU A 80 2.70 -2.33 4.58
C LEU A 80 3.50 -1.51 3.59
N GLY A 81 3.51 -1.94 2.35
CA GLY A 81 4.25 -1.28 1.31
C GLY A 81 3.21 -0.53 0.55
N ASN A 82 3.03 -0.96 -0.69
CA ASN A 82 2.12 -0.25 -1.66
C ASN A 82 0.71 -0.51 -1.22
N MET A 83 -0.16 0.45 -1.46
N MET A 83 -0.14 0.51 -1.34
CA MET A 83 -1.60 0.41 -1.19
CA MET A 83 -1.59 0.40 -1.20
C MET A 83 -2.23 1.37 -2.16
C MET A 83 -2.16 1.37 -2.22
N MET A 84 -2.78 0.85 -3.27
CA MET A 84 -3.31 1.69 -4.34
C MET A 84 -4.62 1.17 -4.84
N VAL A 85 -5.51 2.13 -5.15
CA VAL A 85 -6.87 1.85 -5.60
C VAL A 85 -7.12 2.57 -6.93
N ALA A 86 -7.82 1.88 -7.77
CA ALA A 86 -8.21 2.41 -9.12
C ALA A 86 -8.96 3.75 -8.95
N PRO A 87 -8.64 4.72 -9.79
CA PRO A 87 -9.19 6.06 -9.62
C PRO A 87 -10.72 6.12 -9.70
N ALA A 88 -11.31 5.24 -10.50
CA ALA A 88 -12.77 5.16 -10.62
C ALA A 88 -13.47 4.41 -9.46
N ALA A 89 -12.72 3.84 -8.51
CA ALA A 89 -13.26 3.05 -7.46
C ALA A 89 -12.82 3.50 -6.08
N ARG A 90 -12.45 4.72 -5.95
CA ARG A 90 -11.99 5.30 -4.60
C ARG A 90 -13.21 5.62 -3.70
N GLY A 91 -13.03 5.50 -2.41
CA GLY A 91 -14.08 5.90 -1.54
C GLY A 91 -15.11 4.82 -1.31
N LEU A 92 -14.85 3.60 -1.83
CA LEU A 92 -15.83 2.53 -1.78
C LEU A 92 -15.46 1.43 -0.83
N GLY A 93 -14.38 1.62 -0.03
CA GLY A 93 -13.96 0.63 0.90
C GLY A 93 -12.93 -0.35 0.37
N VAL A 94 -12.37 -0.13 -0.81
CA VAL A 94 -11.39 -1.09 -1.36
C VAL A 94 -10.09 -1.16 -0.52
N ALA A 95 -9.60 0.00 -0.08
CA ALA A 95 -8.39 -0.01 0.71
C ALA A 95 -8.64 -0.56 2.10
N ARG A 96 -9.74 -0.14 2.72
N ARG A 96 -9.77 -0.18 2.71
CA ARG A 96 -10.18 -0.73 4.00
CA ARG A 96 -10.10 -0.77 4.00
C ARG A 96 -10.17 -2.30 3.92
C ARG A 96 -10.16 -2.31 3.91
N TYR A 97 -10.77 -2.81 2.85
CA TYR A 97 -10.83 -4.25 2.62
C TYR A 97 -9.43 -4.86 2.50
N LEU A 98 -8.62 -4.28 1.62
CA LEU A 98 -7.31 -4.86 1.36
C LEU A 98 -6.35 -4.73 2.49
N ILE A 99 -6.42 -3.64 3.24
CA ILE A 99 -5.64 -3.54 4.49
C ILE A 99 -6.04 -4.64 5.49
N GLY A 100 -7.31 -4.91 5.61
CA GLY A 100 -7.75 -6.05 6.41
C GLY A 100 -7.17 -7.39 5.97
N VAL A 101 -7.16 -7.59 4.66
CA VAL A 101 -6.56 -8.79 4.07
C VAL A 101 -5.07 -8.91 4.38
N MET A 102 -4.34 -7.81 4.24
CA MET A 102 -2.92 -7.77 4.49
C MET A 102 -2.62 -7.95 5.98
N GLU A 103 -3.53 -7.44 6.86
CA GLU A 103 -3.36 -7.68 8.32
C GLU A 103 -3.55 -9.16 8.61
N ASN A 104 -4.58 -9.80 7.98
CA ASN A 104 -4.73 -11.23 8.16
C ASN A 104 -3.51 -12.01 7.66
N LEU A 105 -2.99 -11.63 6.49
CA LEU A 105 -1.85 -12.29 5.92
C LEU A 105 -0.57 -12.10 6.81
N ALA A 106 -0.46 -10.91 7.35
CA ALA A 106 0.62 -10.67 8.31
C ALA A 106 0.59 -11.62 9.53
N ARG A 107 -0.60 -11.73 10.12
CA ARG A 107 -0.86 -12.67 11.21
C ARG A 107 -0.61 -14.10 10.82
N GLU A 108 -1.04 -14.47 9.62
CA GLU A 108 -1.11 -15.89 9.28
C GLU A 108 0.21 -16.41 8.74
N GLN A 109 0.80 -15.67 7.79
CA GLN A 109 1.99 -16.10 7.10
C GLN A 109 3.23 -15.72 7.90
N TYR A 110 3.18 -14.62 8.68
CA TYR A 110 4.39 -14.16 9.41
C TYR A 110 4.27 -14.11 10.95
N LYS A 111 3.09 -14.43 11.49
CA LYS A 111 2.87 -14.42 12.92
C LYS A 111 3.24 -13.05 13.50
N ALA A 112 3.00 -12.01 12.70
CA ALA A 112 3.29 -10.67 13.10
C ALA A 112 2.38 -10.24 14.24
N ARG A 113 2.92 -9.45 15.17
N ARG A 113 2.94 -9.47 15.16
CA ARG A 113 2.13 -8.86 16.24
CA ARG A 113 2.22 -8.86 16.28
C ARG A 113 1.87 -7.36 16.08
C ARG A 113 1.86 -7.40 16.05
N LEU A 114 2.47 -6.81 15.04
CA LEU A 114 2.38 -5.37 14.75
C LEU A 114 2.42 -5.17 13.23
N MET A 115 1.64 -4.22 12.76
CA MET A 115 1.81 -3.73 11.40
C MET A 115 2.33 -2.28 11.48
N LYS A 116 3.36 -2.01 10.69
CA LYS A 116 3.84 -0.63 10.48
C LYS A 116 3.40 -0.13 9.13
N ILE A 117 3.13 1.18 9.08
N ILE A 117 3.08 1.16 9.08
CA ILE A 117 2.80 1.87 7.84
CA ILE A 117 2.86 1.85 7.80
C ILE A 117 3.63 3.17 7.87
C ILE A 117 3.33 3.29 7.95
N SER A 118 3.86 3.76 6.72
N SER A 118 3.96 3.75 6.89
CA SER A 118 4.32 5.16 6.76
CA SER A 118 4.41 5.15 6.74
C SER A 118 3.63 5.89 5.67
C SER A 118 3.63 5.88 5.69
N CYS A 119 3.40 7.17 5.87
CA CYS A 119 2.62 7.91 4.96
C CYS A 119 3.20 9.28 4.80
N PHE A 120 3.33 9.79 3.59
CA PHE A 120 3.82 11.17 3.42
C PHE A 120 2.79 12.18 3.89
N ASN A 121 3.33 13.32 4.38
CA ASN A 121 2.48 14.28 5.05
C ASN A 121 1.37 14.86 4.14
N ALA A 122 1.64 15.07 2.84
CA ALA A 122 0.66 15.64 1.99
C ALA A 122 -0.53 14.73 1.67
N ASN A 123 -0.40 13.45 1.97
CA ASN A 123 -1.38 12.44 1.65
C ASN A 123 -2.46 12.37 2.74
N ALA A 124 -3.37 13.35 2.76
CA ALA A 124 -4.40 13.38 3.77
C ALA A 124 -5.27 12.16 3.71
N ALA A 125 -5.58 11.70 2.50
CA ALA A 125 -6.44 10.50 2.38
C ALA A 125 -5.78 9.31 3.03
N GLY A 126 -4.51 9.12 2.75
CA GLY A 126 -3.73 8.06 3.40
C GLY A 126 -3.67 8.16 4.93
N LEU A 127 -3.43 9.35 5.45
CA LEU A 127 -3.34 9.50 6.89
C LEU A 127 -4.63 9.23 7.59
N LEU A 128 -5.72 9.66 6.95
CA LEU A 128 -7.03 9.48 7.51
C LEU A 128 -7.46 8.00 7.42
N LEU A 129 -7.14 7.35 6.29
CA LEU A 129 -7.35 5.91 6.10
C LEU A 129 -6.75 5.14 7.26
N TYR A 130 -5.46 5.34 7.49
CA TYR A 130 -4.76 4.55 8.48
C TYR A 130 -5.29 4.87 9.89
N THR A 131 -5.62 6.14 10.13
CA THR A 131 -6.19 6.54 11.40
C THR A 131 -7.52 5.84 11.65
N GLN A 132 -8.37 5.81 10.62
CA GLN A 132 -9.66 5.16 10.71
C GLN A 132 -9.51 3.70 11.02
N LEU A 133 -8.45 3.08 10.52
CA LEU A 133 -8.21 1.64 10.74
C LEU A 133 -7.47 1.33 12.04
N GLY A 134 -7.20 2.34 12.86
CA GLY A 134 -6.65 2.13 14.18
C GLY A 134 -5.16 2.20 14.30
N TYR A 135 -4.50 2.72 13.26
CA TYR A 135 -3.06 2.98 13.32
C TYR A 135 -2.82 4.26 14.06
N GLN A 136 -1.76 4.29 14.84
CA GLN A 136 -1.36 5.49 15.61
C GLN A 136 0.00 5.98 15.15
N PRO A 137 0.21 7.31 15.15
CA PRO A 137 1.48 7.84 14.77
C PRO A 137 2.54 7.67 15.82
N ARG A 138 3.74 7.36 15.38
CA ARG A 138 4.84 7.13 16.29
C ARG A 138 6.03 8.04 16.12
N ALA A 139 6.32 8.38 14.87
CA ALA A 139 7.45 9.22 14.59
C ALA A 139 7.27 9.91 13.29
N ILE A 140 8.07 10.94 13.10
CA ILE A 140 8.10 11.65 11.84
C ILE A 140 9.53 11.77 11.39
N ALA A 141 9.78 11.42 10.11
CA ALA A 141 11.12 11.47 9.52
C ALA A 141 11.16 12.44 8.36
N GLU A 142 12.30 13.08 8.18
CA GLU A 142 12.43 13.97 7.02
C GLU A 142 12.74 13.15 5.79
N ARG A 143 12.11 13.47 4.67
CA ARG A 143 12.42 12.90 3.35
C ARG A 143 12.45 14.03 2.33
N HIS A 144 12.81 13.73 1.07
CA HIS A 144 12.79 14.68 0.01
C HIS A 144 11.94 14.17 -1.16
N ASP A 145 11.25 15.10 -1.78
CA ASP A 145 10.49 14.78 -3.00
C ASP A 145 11.33 14.93 -4.25
N PRO A 146 10.77 14.64 -5.43
CA PRO A 146 11.60 14.61 -6.64
C PRO A 146 12.14 15.98 -7.08
N ASP A 147 11.57 17.05 -6.52
CA ASP A 147 12.10 18.39 -6.75
C ASP A 147 13.11 18.80 -5.69
N GLY A 148 13.49 17.89 -4.77
CA GLY A 148 14.43 18.20 -3.74
C GLY A 148 13.87 18.98 -2.56
N ARG A 149 12.56 19.02 -2.47
CA ARG A 149 11.87 19.73 -1.40
C ARG A 149 11.64 18.81 -0.21
N ARG A 150 11.78 19.35 0.99
CA ARG A 150 11.70 18.55 2.18
C ARG A 150 10.22 18.27 2.51
N VAL A 151 9.97 16.99 2.74
CA VAL A 151 8.64 16.50 3.17
C VAL A 151 8.79 15.68 4.45
N ALA A 152 7.67 15.37 5.09
CA ALA A 152 7.65 14.64 6.41
C ALA A 152 6.96 13.30 6.14
N LEU A 153 7.61 12.25 6.57
CA LEU A 153 7.10 10.88 6.50
C LEU A 153 6.58 10.50 7.87
N ILE A 154 5.30 10.27 7.97
CA ILE A 154 4.67 9.96 9.27
C ILE A 154 4.66 8.44 9.41
N GLN A 155 5.31 7.93 10.44
CA GLN A 155 5.49 6.50 10.65
C GLN A 155 4.43 6.12 11.70
N MET A 156 3.60 5.12 11.39
CA MET A 156 2.49 4.70 12.21
C MET A 156 2.55 3.20 12.42
N ASP A 157 1.83 2.76 13.43
CA ASP A 157 1.69 1.32 13.69
C ASP A 157 0.41 0.97 14.38
N LYS A 158 0.18 -0.36 14.42
CA LYS A 158 -1.09 -0.94 15.03
C LYS A 158 -0.77 -2.37 15.46
N PRO A 159 -1.14 -2.73 16.71
CA PRO A 159 -0.96 -4.10 17.11
C PRO A 159 -1.97 -4.99 16.37
N LEU A 160 -1.55 -6.16 16.02
CA LEU A 160 -2.43 -7.13 15.38
C LEU A 160 -2.84 -8.12 16.51
N GLU A 161 -4.09 -8.49 16.62
CA GLU A 161 -4.47 -9.36 17.80
C GLU A 161 -4.55 -10.84 17.44
S SO4 B . 15.49 11.26 1.16
O1 SO4 B . 15.86 10.12 1.97
O2 SO4 B . 15.83 12.42 2.02
O3 SO4 B . 16.21 11.23 -0.12
O4 SO4 B . 14.07 11.22 0.74
S SO4 C . 5.02 -13.99 -1.61
O1 SO4 C . 6.09 -14.48 -0.71
O2 SO4 C . 3.80 -13.85 -0.78
O3 SO4 C . 5.45 -12.77 -2.31
O4 SO4 C . 4.83 -15.03 -2.63
C1 EDO D . 12.47 -6.60 5.01
O1 EDO D . 11.85 -7.49 5.93
C2 EDO D . 13.67 -7.34 4.42
O2 EDO D . 13.55 -8.72 4.77
C1 EDO E . 8.69 12.16 -10.69
O1 EDO E . 7.50 12.87 -10.37
C2 EDO E . 8.93 12.37 -12.20
O2 EDO E . 10.12 11.70 -12.54
C1 EDO F . 5.70 16.12 -4.98
O1 EDO F . 5.08 15.03 -5.72
C2 EDO F . 5.64 15.78 -3.50
O2 EDO F . 6.01 16.89 -2.73
C1 EDO G . 0.86 -7.34 -19.47
O1 EDO G . -0.18 -6.72 -20.26
C2 EDO G . 1.16 -6.44 -18.34
O2 EDO G . 0.03 -6.54 -17.43
C1 EDO H . 13.80 6.77 9.25
O1 EDO H . 13.14 5.83 10.07
C2 EDO H . 14.56 7.77 10.11
O2 EDO H . 15.26 8.62 9.19
C1 EDO I . 11.75 -14.90 4.28
O1 EDO I . 10.91 -14.86 5.45
C2 EDO I . 12.71 -13.71 4.35
O2 EDO I . 13.10 -13.26 3.04
C1 EDO J . 0.47 4.69 24.08
O1 EDO J . 1.55 5.54 23.68
C2 EDO J . -0.32 4.32 22.86
O2 EDO J . -0.36 2.89 22.70
N1A COA K . -10.53 12.12 1.75
C2A COA K . -10.43 11.83 3.08
N3A COA K . -10.31 10.62 3.61
C4A COA K . -10.27 9.53 2.73
C5A COA K . -10.37 9.76 1.32
C6A COA K . -10.51 11.14 0.83
N6A COA K . -10.64 11.41 -0.47
N7A COA K . -10.34 8.53 0.72
C8A COA K . -10.19 7.62 1.71
N9A COA K . -10.16 8.23 2.93
C1B COA K . -10.00 7.61 4.24
C2B COA K . -11.26 7.76 5.03
O2B COA K . -10.85 7.76 6.41
C3B COA K . -12.05 6.48 4.72
O3B COA K . -12.95 6.13 5.76
P3B COA K . -14.49 6.57 5.67
O7A COA K . -15.12 5.61 6.70
O8A COA K . -14.46 8.02 6.17
O9A COA K . -14.92 6.44 4.24
C4B COA K . -10.92 5.49 4.67
O4B COA K . -9.84 6.20 4.06
C5B COA K . -11.19 4.16 3.92
O5B COA K . -11.60 4.52 2.66
P1A COA K . -11.51 3.48 1.35
O1A COA K . -12.70 3.79 0.54
O2A COA K . -11.21 2.14 1.83
O3A COA K . -10.22 4.11 0.65
P2A COA K . -9.88 4.01 -0.87
O4A COA K . -10.43 5.15 -1.60
O5A COA K . -10.24 2.60 -1.30
O6A COA K . -8.27 4.08 -0.90
CBP COA K . -6.25 5.35 -0.95
CCP COA K . -7.56 5.13 -0.21
CDP COA K . -5.38 6.32 -0.12
CEP COA K . -5.52 3.99 -1.07
CAP COA K . -6.51 5.92 -2.35
OAP COA K . -6.95 7.33 -2.25
C9P COA K . -5.31 5.91 -3.23
O9P COA K . -5.07 4.90 -3.91
N8P COA K . -4.50 6.95 -3.20
C7P COA K . -3.28 7.05 -4.02
C6P COA K . -2.20 6.09 -3.59
C5P COA K . -1.81 6.31 -2.13
O5P COA K . -1.59 7.45 -1.73
N4P COA K . -1.63 5.23 -1.39
C3P COA K . -0.89 5.24 -0.13
C2P COA K . 0.60 5.19 -0.40
S1P COA K . 1.16 3.69 -1.35
#